data_6TDB
#
_entry.id   6TDB
#
_cell.length_a   107.359
_cell.length_b   140.122
_cell.length_c   74.357
_cell.angle_alpha   90.000
_cell.angle_beta   132.972
_cell.angle_gamma   90.000
#
_symmetry.space_group_name_H-M   'C 1 2 1'
#
loop_
_entity.id
_entity.type
_entity.pdbx_description
1 polymer Neuropilin-2
2 polymer 'C-terminal VEGFB167 peptide'
3 non-polymer 1,2-ETHANEDIOL
4 non-polymer 'ACETYL GROUP'
5 water water
#
loop_
_entity_poly.entity_id
_entity_poly.type
_entity_poly.pdbx_seq_one_letter_code
_entity_poly.pdbx_strand_id
1 'polypeptide(L)'
;GHMFQCNVPLGMESGRIANEQISASSTYSDGRWTPQQSRLHGDDNGWTPNLDSNKEYLQVDLRFLTMLTAIATQGAISRE
TQNGYYVKSYKLEVSTNGEDWMVYRHGKNHKVFQANNDATEVVLNKLHAPLLTRFVRIRPQTWHSGIALRLELFGCRVTS
GS
;
A,B,C,D
2 'polypeptide(L)' RKLRR F,J,K
#
# COMPACT_ATOMS: atom_id res chain seq x y z
N GLY A 1 12.99 -52.57 -9.34
CA GLY A 1 12.01 -51.52 -9.11
C GLY A 1 12.28 -50.72 -7.85
N HIS A 2 11.72 -49.51 -7.80
CA HIS A 2 11.88 -48.64 -6.65
C HIS A 2 11.15 -49.21 -5.45
N MET A 3 11.84 -49.28 -4.32
CA MET A 3 11.21 -49.65 -3.07
C MET A 3 10.68 -48.42 -2.36
N PHE A 4 9.84 -48.62 -1.35
CA PHE A 4 9.25 -47.49 -0.66
C PHE A 4 10.30 -46.75 0.17
N GLN A 5 10.23 -45.42 0.14
CA GLN A 5 11.05 -44.54 0.95
C GLN A 5 10.15 -43.64 1.78
N CYS A 6 10.45 -43.53 3.07
CA CYS A 6 9.77 -42.60 4.00
C CYS A 6 10.19 -41.17 3.74
N ASN A 7 9.55 -40.53 2.76
CA ASN A 7 9.89 -39.14 2.47
C ASN A 7 8.84 -38.53 1.55
N VAL A 8 7.62 -39.05 1.60
CA VAL A 8 6.52 -38.61 0.76
C VAL A 8 5.85 -37.40 1.42
N PRO A 9 5.27 -36.48 0.65
CA PRO A 9 4.54 -35.37 1.27
C PRO A 9 3.26 -35.88 1.93
N LEU A 10 2.94 -35.30 3.09
CA LEU A 10 1.91 -35.85 3.95
C LEU A 10 0.52 -35.23 3.75
N GLY A 11 0.39 -34.12 3.01
CA GLY A 11 -0.95 -33.59 2.82
C GLY A 11 -1.12 -32.12 2.51
N MET A 12 -0.32 -31.24 3.11
CA MET A 12 -0.37 -29.85 2.68
C MET A 12 -0.17 -29.79 1.17
N GLU A 13 -0.79 -28.80 0.52
CA GLU A 13 -0.67 -28.71 -0.93
C GLU A 13 -1.48 -29.79 -1.61
N SER A 14 -1.22 -31.06 -1.28
CA SER A 14 -2.04 -32.15 -1.77
C SER A 14 -3.50 -31.92 -1.41
N GLY A 15 -3.87 -32.20 -0.16
CA GLY A 15 -5.24 -32.10 0.28
C GLY A 15 -5.54 -33.17 1.32
N ARG A 16 -4.74 -34.24 1.33
CA ARG A 16 -4.93 -35.28 2.33
CA ARG A 16 -4.92 -35.29 2.32
C ARG A 16 -4.95 -34.72 3.74
N ILE A 17 -4.33 -33.57 3.95
CA ILE A 17 -4.35 -32.88 5.24
C ILE A 17 -5.51 -31.89 5.22
N ALA A 18 -6.56 -32.17 5.97
CA ALA A 18 -7.78 -31.38 5.90
C ALA A 18 -7.58 -29.98 6.48
N ASN A 19 -8.45 -29.06 6.07
CA ASN A 19 -8.43 -27.72 6.62
C ASN A 19 -8.57 -27.74 8.14
N GLU A 20 -9.28 -28.73 8.68
CA GLU A 20 -9.53 -28.78 10.10
C GLU A 20 -8.31 -29.21 10.91
N GLN A 21 -7.33 -29.88 10.28
CA GLN A 21 -6.13 -30.31 10.99
C GLN A 21 -5.07 -29.22 11.10
N ILE A 22 -5.30 -28.07 10.48
CA ILE A 22 -4.35 -26.95 10.50
C ILE A 22 -4.92 -25.87 11.40
N SER A 23 -4.07 -25.31 12.25
CA SER A 23 -4.47 -24.25 13.16
C SER A 23 -3.24 -23.44 13.51
N ALA A 24 -3.44 -22.40 14.32
CA ALA A 24 -2.33 -21.53 14.70
C ALA A 24 -2.57 -20.97 16.10
N SER A 25 -1.53 -20.39 16.67
CA SER A 25 -1.66 -19.66 17.92
C SER A 25 -2.56 -18.43 17.77
N SER A 26 -2.56 -17.83 16.58
CA SER A 26 -3.39 -16.68 16.26
C SER A 26 -3.36 -16.52 14.75
N THR A 27 -3.97 -15.45 14.26
CA THR A 27 -3.93 -15.16 12.83
C THR A 27 -4.19 -13.68 12.67
N TYR A 28 -3.73 -13.14 11.54
CA TYR A 28 -3.93 -11.72 11.24
C TYR A 28 -5.43 -11.38 11.24
N SER A 29 -5.77 -10.22 11.80
CA SER A 29 -7.17 -9.93 12.13
C SER A 29 -8.03 -9.67 10.89
N ASP A 30 -7.43 -9.28 9.77
CA ASP A 30 -8.20 -9.03 8.56
C ASP A 30 -8.75 -10.30 7.93
N GLY A 31 -8.31 -11.48 8.37
CA GLY A 31 -8.84 -12.74 7.87
C GLY A 31 -8.24 -13.21 6.57
N ARG A 32 -7.19 -12.57 6.07
CA ARG A 32 -6.63 -12.90 4.78
C ARG A 32 -5.33 -13.71 4.88
N TRP A 33 -4.97 -14.17 6.08
CA TRP A 33 -3.73 -14.89 6.31
C TRP A 33 -3.96 -16.05 7.28
N THR A 34 -5.01 -16.82 7.02
CA THR A 34 -5.43 -17.86 7.95
C THR A 34 -4.48 -19.04 7.90
N PRO A 35 -4.56 -19.93 8.90
CA PRO A 35 -3.72 -21.14 8.88
C PRO A 35 -3.99 -22.04 7.68
N GLN A 36 -5.22 -22.04 7.17
CA GLN A 36 -5.54 -22.88 6.02
C GLN A 36 -4.82 -22.44 4.76
N GLN A 37 -4.21 -21.26 4.78
CA GLN A 37 -3.50 -20.70 3.64
C GLN A 37 -1.99 -20.94 3.71
N SER A 38 -1.54 -21.82 4.59
CA SER A 38 -0.13 -22.15 4.71
C SER A 38 0.26 -23.39 3.91
N ARG A 39 -0.58 -23.83 2.98
CA ARG A 39 -0.24 -24.99 2.17
C ARG A 39 0.84 -24.63 1.16
N LEU A 40 1.86 -25.46 1.08
CA LEU A 40 2.98 -25.23 0.16
C LEU A 40 2.48 -24.94 -1.24
N HIS A 41 3.05 -23.89 -1.86
CA HIS A 41 2.71 -23.46 -3.21
C HIS A 41 1.27 -22.97 -3.32
N GLY A 42 0.68 -22.55 -2.20
CA GLY A 42 -0.59 -21.88 -2.26
C GLY A 42 -0.46 -20.52 -2.91
N ASP A 43 -1.51 -20.12 -3.63
CA ASP A 43 -1.48 -18.83 -4.34
C ASP A 43 -2.42 -17.81 -3.71
N ASP A 44 -2.69 -17.93 -2.40
CA ASP A 44 -3.49 -16.93 -1.67
C ASP A 44 -2.78 -16.65 -0.34
N ASN A 45 -1.79 -15.78 -0.40
CA ASN A 45 -1.00 -15.39 0.78
C ASN A 45 -0.51 -16.66 1.48
N GLY A 46 -0.43 -16.61 2.80
CA GLY A 46 -0.08 -17.75 3.62
C GLY A 46 -0.60 -17.47 5.01
N TRP A 47 0.02 -18.10 6.01
CA TRP A 47 -0.37 -17.88 7.39
C TRP A 47 0.45 -16.74 8.00
N THR A 48 -0.23 -15.85 8.72
CA THR A 48 0.40 -14.75 9.44
C THR A 48 -0.27 -14.66 10.81
N PRO A 49 0.51 -14.62 11.89
CA PRO A 49 -0.10 -14.48 13.22
C PRO A 49 -0.73 -13.12 13.40
N ASN A 50 -1.40 -12.95 14.54
CA ASN A 50 -2.03 -11.68 14.87
C ASN A 50 -0.98 -10.65 15.28
N LEU A 51 0.14 -11.10 15.83
CA LEU A 51 1.26 -10.24 16.18
C LEU A 51 2.55 -10.97 15.82
N ASP A 52 3.50 -10.24 15.22
CA ASP A 52 4.77 -10.84 14.81
C ASP A 52 5.65 -11.02 16.04
N SER A 53 5.85 -12.27 16.45
CA SER A 53 6.74 -12.56 17.57
C SER A 53 7.09 -14.03 17.54
N ASN A 54 8.13 -14.40 18.29
CA ASN A 54 8.58 -15.78 18.32
C ASN A 54 7.78 -16.65 19.28
N LYS A 55 6.64 -16.18 19.77
CA LYS A 55 5.74 -17.02 20.55
C LYS A 55 4.59 -17.59 19.74
N GLU A 56 4.40 -17.13 18.51
CA GLU A 56 3.35 -17.65 17.65
C GLU A 56 3.80 -18.96 16.99
N TYR A 57 2.82 -19.76 16.57
CA TYR A 57 3.15 -21.00 15.90
C TYR A 57 2.02 -21.41 14.97
N LEU A 58 2.39 -22.13 13.92
CA LEU A 58 1.47 -22.84 13.06
C LEU A 58 1.46 -24.31 13.49
N GLN A 59 0.26 -24.90 13.56
CA GLN A 59 0.11 -26.25 14.07
C GLN A 59 -0.60 -27.13 13.06
N VAL A 60 -0.09 -28.34 12.88
CA VAL A 60 -0.72 -29.35 12.05
C VAL A 60 -0.93 -30.60 12.89
N ASP A 61 -2.13 -31.18 12.82
CA ASP A 61 -2.46 -32.40 13.51
C ASP A 61 -2.55 -33.50 12.46
N LEU A 62 -1.58 -34.43 12.49
CA LEU A 62 -1.60 -35.51 11.52
C LEU A 62 -2.70 -36.54 11.79
N ARG A 63 -3.33 -36.48 12.96
CA ARG A 63 -4.46 -37.35 13.30
C ARG A 63 -4.02 -38.78 13.60
N PHE A 64 -2.82 -39.14 13.20
CA PHE A 64 -2.30 -40.48 13.46
C PHE A 64 -0.81 -40.39 13.73
N LEU A 65 -0.28 -41.42 14.40
CA LEU A 65 1.16 -41.51 14.57
C LEU A 65 1.82 -41.64 13.20
N THR A 66 2.85 -40.84 12.99
CA THR A 66 3.41 -40.65 11.67
C THR A 66 4.92 -40.49 11.77
N MET A 67 5.64 -41.09 10.84
CA MET A 67 7.08 -40.87 10.75
C MET A 67 7.31 -39.53 10.05
N LEU A 68 8.06 -38.64 10.69
CA LEU A 68 8.31 -37.30 10.18
C LEU A 68 9.79 -37.15 9.89
N THR A 69 10.13 -36.91 8.62
CA THR A 69 11.52 -36.86 8.18
C THR A 69 12.00 -35.49 7.76
N ALA A 70 11.12 -34.62 7.25
CA ALA A 70 11.57 -33.32 6.76
C ALA A 70 10.43 -32.32 6.72
N ILE A 71 10.82 -31.05 6.68
CA ILE A 71 9.91 -29.90 6.66
C ILE A 71 10.35 -28.98 5.54
N ALA A 72 9.40 -28.58 4.68
CA ALA A 72 9.64 -27.57 3.66
C ALA A 72 8.79 -26.33 3.96
N THR A 73 9.36 -25.15 3.68
CA THR A 73 8.73 -23.89 4.02
C THR A 73 8.97 -22.86 2.92
N GLN A 74 8.00 -21.97 2.75
CA GLN A 74 8.12 -20.75 1.96
C GLN A 74 7.53 -19.59 2.74
N GLY A 75 7.91 -18.39 2.34
CA GLY A 75 7.20 -17.18 2.73
C GLY A 75 5.97 -16.99 1.88
N ALA A 76 5.59 -15.74 1.69
CA ALA A 76 4.45 -15.46 0.82
C ALA A 76 4.53 -14.03 0.31
N ILE A 77 4.10 -13.84 -0.93
CA ILE A 77 3.85 -12.50 -1.47
C ILE A 77 2.41 -12.13 -1.17
N SER A 78 2.22 -10.95 -0.58
CA SER A 78 0.88 -10.46 -0.31
C SER A 78 0.13 -10.29 -1.61
N ARG A 79 -1.02 -10.98 -1.72
N ARG A 79 -1.02 -10.96 -1.72
CA ARG A 79 -1.88 -10.80 -2.88
CA ARG A 79 -1.86 -10.79 -2.90
C ARG A 79 -2.35 -9.35 -2.99
C ARG A 79 -2.53 -9.42 -2.95
N GLU A 80 -2.50 -8.66 -1.86
CA GLU A 80 -3.07 -7.32 -1.85
C GLU A 80 -2.05 -6.22 -2.12
N THR A 81 -0.79 -6.42 -1.73
CA THR A 81 0.20 -5.35 -1.79
C THR A 81 1.48 -5.74 -2.53
N GLN A 82 1.57 -6.96 -3.05
CA GLN A 82 2.78 -7.48 -3.70
C GLN A 82 4.01 -7.38 -2.80
N ASN A 83 3.80 -7.24 -1.49
CA ASN A 83 4.90 -7.26 -0.52
C ASN A 83 5.23 -8.70 -0.14
N GLY A 84 6.52 -8.97 0.03
CA GLY A 84 6.99 -10.31 0.35
C GLY A 84 7.29 -10.47 1.83
N TYR A 85 6.90 -11.62 2.38
CA TYR A 85 7.20 -11.96 3.76
C TYR A 85 7.76 -13.37 3.82
N TYR A 86 8.63 -13.61 4.80
CA TYR A 86 9.07 -14.98 5.01
C TYR A 86 9.72 -15.15 6.37
N VAL A 87 9.64 -16.37 6.87
CA VAL A 87 10.33 -16.76 8.08
C VAL A 87 11.77 -17.14 7.71
N LYS A 88 12.73 -16.58 8.45
CA LYS A 88 14.13 -16.87 8.21
C LYS A 88 14.67 -17.99 9.07
N SER A 89 14.01 -18.29 10.20
CA SER A 89 14.41 -19.40 11.05
C SER A 89 13.26 -19.74 11.97
N TYR A 90 13.26 -20.97 12.45
CA TYR A 90 12.15 -21.44 13.28
C TYR A 90 12.63 -22.58 14.16
N LYS A 91 11.87 -22.82 15.23
CA LYS A 91 12.01 -24.01 16.04
C LYS A 91 10.86 -24.95 15.72
N LEU A 92 11.05 -26.22 16.05
CA LEU A 92 10.05 -27.23 15.80
C LEU A 92 9.60 -27.84 17.12
N GLU A 93 8.29 -28.01 17.27
CA GLU A 93 7.72 -28.63 18.45
C GLU A 93 6.84 -29.78 18.01
N VAL A 94 6.92 -30.90 18.73
CA VAL A 94 6.20 -32.10 18.34
C VAL A 94 5.53 -32.69 19.57
N SER A 95 4.53 -33.54 19.30
CA SER A 95 3.70 -34.08 20.36
C SER A 95 2.90 -35.24 19.79
N THR A 96 2.81 -36.31 20.56
CA THR A 96 1.91 -37.41 20.20
C THR A 96 0.49 -37.18 20.69
N ASN A 97 0.31 -36.46 21.80
CA ASN A 97 -1.00 -36.32 22.44
C ASN A 97 -1.58 -34.91 22.39
N GLY A 98 -0.88 -33.94 21.81
CA GLY A 98 -1.40 -32.59 21.73
C GLY A 98 -1.30 -31.77 22.99
N GLU A 99 -0.79 -32.34 24.07
CA GLU A 99 -0.64 -31.61 25.33
C GLU A 99 0.77 -31.65 25.90
N ASP A 100 1.49 -32.77 25.75
CA ASP A 100 2.90 -32.85 26.11
C ASP A 100 3.73 -32.51 24.88
N TRP A 101 4.43 -31.38 24.91
CA TRP A 101 5.12 -30.85 23.75
C TRP A 101 6.63 -30.84 23.99
N MET A 102 7.38 -31.38 23.03
CA MET A 102 8.83 -31.41 23.09
C MET A 102 9.37 -30.49 22.00
N VAL A 103 10.22 -29.55 22.40
CA VAL A 103 10.93 -28.71 21.44
C VAL A 103 12.07 -29.53 20.84
N TYR A 104 12.08 -29.62 19.50
CA TYR A 104 13.08 -30.45 18.83
C TYR A 104 14.49 -29.95 19.13
N ARG A 105 15.35 -30.87 19.55
CA ARG A 105 16.68 -30.56 20.01
C ARG A 105 17.71 -31.23 19.11
N HIS A 106 18.87 -30.58 18.96
CA HIS A 106 20.04 -31.20 18.34
C HIS A 106 21.18 -31.06 19.33
N GLY A 107 21.51 -32.15 20.02
CA GLY A 107 22.38 -32.03 21.16
C GLY A 107 21.61 -31.50 22.36
N LYS A 108 22.30 -30.73 23.19
CA LYS A 108 21.69 -30.25 24.43
C LYS A 108 20.79 -29.05 24.22
N ASN A 109 20.77 -28.45 23.04
CA ASN A 109 20.03 -27.23 22.79
C ASN A 109 19.04 -27.42 21.65
N HIS A 110 18.02 -26.55 21.64
CA HIS A 110 17.03 -26.57 20.57
C HIS A 110 17.70 -26.42 19.22
N LYS A 111 17.31 -27.28 18.30
CA LYS A 111 17.67 -27.09 16.90
C LYS A 111 16.95 -25.85 16.36
N VAL A 112 17.72 -24.85 15.93
CA VAL A 112 17.18 -23.70 15.21
C VAL A 112 17.34 -23.98 13.72
N PHE A 113 16.21 -24.11 13.03
CA PHE A 113 16.22 -24.38 11.60
C PHE A 113 16.35 -23.09 10.80
N GLN A 114 17.35 -23.03 9.91
CA GLN A 114 17.42 -21.95 8.94
C GLN A 114 16.39 -22.18 7.85
N ALA A 115 15.70 -21.12 7.46
CA ALA A 115 14.51 -21.27 6.61
C ALA A 115 14.75 -20.48 5.33
N ASN A 116 13.92 -19.49 5.05
CA ASN A 116 13.86 -18.93 3.72
C ASN A 116 14.68 -17.65 3.62
N ASN A 117 15.14 -17.37 2.41
CA ASN A 117 15.81 -16.12 2.07
C ASN A 117 14.96 -15.25 1.15
N ASP A 118 13.82 -15.75 0.70
CA ASP A 118 12.90 -15.01 -0.15
C ASP A 118 11.50 -15.54 0.14
N ALA A 119 10.52 -15.00 -0.58
CA ALA A 119 9.12 -15.37 -0.34
C ALA A 119 8.58 -16.39 -1.35
N THR A 120 9.39 -16.83 -2.32
CA THR A 120 8.90 -17.68 -3.40
C THR A 120 9.47 -19.09 -3.39
N GLU A 121 10.69 -19.29 -2.90
CA GLU A 121 11.37 -20.55 -3.08
C GLU A 121 11.24 -21.44 -1.83
N VAL A 122 11.28 -22.74 -2.07
CA VAL A 122 11.10 -23.75 -1.03
C VAL A 122 12.45 -24.08 -0.42
N VAL A 123 12.54 -24.02 0.91
CA VAL A 123 13.71 -24.46 1.66
C VAL A 123 13.31 -25.72 2.42
N LEU A 124 13.99 -26.82 2.12
CA LEU A 124 13.74 -28.11 2.76
C LEU A 124 14.78 -28.38 3.83
N ASN A 125 14.32 -28.82 5.01
CA ASN A 125 15.18 -29.18 6.12
C ASN A 125 14.87 -30.62 6.50
N LYS A 126 15.89 -31.45 6.63
CA LYS A 126 15.72 -32.82 7.06
C LYS A 126 15.99 -32.91 8.55
N LEU A 127 15.26 -33.81 9.21
CA LEU A 127 15.57 -34.15 10.58
C LEU A 127 16.73 -35.15 10.59
N HIS A 128 17.59 -35.04 11.60
CA HIS A 128 18.74 -35.93 11.69
C HIS A 128 18.34 -37.36 12.03
N ALA A 129 17.07 -37.59 12.32
CA ALA A 129 16.51 -38.92 12.48
C ALA A 129 14.99 -38.83 12.43
N PRO A 130 14.33 -39.73 11.71
CA PRO A 130 12.86 -39.66 11.63
C PRO A 130 12.24 -39.73 13.02
N LEU A 131 11.25 -38.88 13.25
CA LEU A 131 10.57 -38.75 14.53
C LEU A 131 9.13 -39.20 14.40
N LEU A 132 8.67 -40.02 15.33
CA LEU A 132 7.32 -40.56 15.31
C LEU A 132 6.42 -39.64 16.12
N THR A 133 5.54 -38.91 15.44
CA THR A 133 4.74 -37.86 16.06
C THR A 133 3.34 -37.81 15.43
N ARG A 134 2.48 -37.01 16.06
CA ARG A 134 1.16 -36.79 15.50
C ARG A 134 0.90 -35.30 15.34
N PHE A 135 1.43 -34.50 16.25
CA PHE A 135 1.29 -33.04 16.20
C PHE A 135 2.64 -32.42 15.87
N VAL A 136 2.60 -31.38 15.05
CA VAL A 136 3.80 -30.60 14.71
C VAL A 136 3.45 -29.13 14.86
N ARG A 137 4.40 -28.38 15.41
CA ARG A 137 4.30 -26.93 15.50
C ARG A 137 5.54 -26.29 14.91
N ILE A 138 5.33 -25.24 14.12
CA ILE A 138 6.41 -24.42 13.58
C ILE A 138 6.34 -23.07 14.28
N ARG A 139 7.39 -22.74 15.02
CA ARG A 139 7.43 -21.49 15.80
C ARG A 139 8.55 -20.59 15.30
N PRO A 140 8.25 -19.61 14.44
CA PRO A 140 9.32 -18.78 13.88
C PRO A 140 10.16 -18.11 14.96
N GLN A 141 11.44 -17.88 14.63
CA GLN A 141 12.35 -17.13 15.47
C GLN A 141 12.83 -15.84 14.83
N THR A 142 12.99 -15.82 13.51
CA THR A 142 13.36 -14.62 12.79
C THR A 142 12.60 -14.58 11.47
N TRP A 143 12.45 -13.38 10.93
CA TRP A 143 11.64 -13.24 9.73
C TRP A 143 12.02 -11.93 9.03
N HIS A 144 11.67 -11.86 7.75
CA HIS A 144 11.85 -10.64 6.97
C HIS A 144 10.50 -9.94 6.86
N SER A 145 10.43 -8.73 7.41
CA SER A 145 9.25 -7.87 7.29
C SER A 145 8.13 -8.32 8.21
N GLY A 146 7.69 -9.56 8.06
CA GLY A 146 6.70 -10.14 8.94
C GLY A 146 6.65 -11.64 8.75
N ILE A 147 6.04 -12.32 9.72
CA ILE A 147 5.88 -13.76 9.64
C ILE A 147 4.82 -14.08 8.58
N ALA A 148 5.19 -14.90 7.61
CA ALA A 148 4.28 -15.47 6.64
C ALA A 148 4.80 -16.86 6.28
N LEU A 149 3.90 -17.83 6.17
CA LEU A 149 4.34 -19.22 6.16
C LEU A 149 3.47 -20.06 5.24
N ARG A 150 4.13 -20.82 4.36
CA ARG A 150 3.54 -21.96 3.65
C ARG A 150 4.41 -23.17 3.91
N LEU A 151 3.80 -24.35 3.95
CA LEU A 151 4.44 -25.46 4.62
C LEU A 151 4.14 -26.78 3.93
N GLU A 152 5.10 -27.70 4.06
CA GLU A 152 4.86 -29.10 3.75
C GLU A 152 5.68 -29.96 4.69
N LEU A 153 5.10 -31.09 5.10
CA LEU A 153 5.75 -32.08 5.92
C LEU A 153 5.97 -33.36 5.10
N PHE A 154 7.09 -34.04 5.36
CA PHE A 154 7.45 -35.24 4.61
C PHE A 154 7.63 -36.41 5.56
N GLY A 155 7.23 -37.62 5.11
CA GLY A 155 7.43 -38.81 5.90
C GLY A 155 6.71 -40.05 5.42
N CYS A 156 6.12 -40.77 6.36
CA CYS A 156 5.27 -41.92 6.10
C CYS A 156 4.45 -42.22 7.36
N ARG A 157 3.30 -42.86 7.16
CA ARG A 157 2.45 -43.29 8.27
C ARG A 157 2.73 -44.76 8.58
N VAL A 158 2.76 -45.09 9.86
CA VAL A 158 3.01 -46.44 10.32
C VAL A 158 1.72 -47.24 10.23
N HIS B 2 -9.22 51.00 4.79
CA HIS B 2 -10.16 50.04 4.20
C HIS B 2 -11.46 50.00 4.99
N MET B 3 -12.28 48.97 4.71
CA MET B 3 -13.58 48.82 5.33
C MET B 3 -13.83 47.35 5.59
N PHE B 4 -14.84 47.07 6.43
CA PHE B 4 -15.18 45.71 6.79
C PHE B 4 -16.10 45.10 5.75
N GLN B 5 -15.69 43.98 5.18
CA GLN B 5 -16.49 43.20 4.26
C GLN B 5 -16.96 41.92 4.94
N CYS B 6 -18.11 41.41 4.50
CA CYS B 6 -18.63 40.15 5.00
C CYS B 6 -18.07 39.03 4.12
N ASN B 7 -16.85 38.61 4.45
CA ASN B 7 -16.24 37.50 3.72
C ASN B 7 -15.10 36.86 4.52
N VAL B 8 -15.10 36.98 5.84
CA VAL B 8 -13.99 36.54 6.67
C VAL B 8 -14.21 35.08 7.07
N PRO B 9 -13.15 34.32 7.34
CA PRO B 9 -13.33 32.95 7.83
C PRO B 9 -14.06 32.95 9.17
N LEU B 10 -14.87 31.91 9.38
CA LEU B 10 -15.76 31.84 10.53
C LEU B 10 -15.20 30.99 11.68
N GLY B 11 -14.19 30.17 11.45
CA GLY B 11 -13.60 29.47 12.57
C GLY B 11 -13.22 28.02 12.39
N MET B 12 -13.39 27.46 11.19
CA MET B 12 -12.96 26.08 10.98
C MET B 12 -11.46 25.94 11.22
N GLU B 13 -10.67 26.69 10.45
CA GLU B 13 -9.22 26.57 10.57
C GLU B 13 -8.71 27.23 11.86
N SER B 14 -9.18 28.44 12.14
CA SER B 14 -8.78 29.12 13.36
C SER B 14 -9.18 28.33 14.60
N GLY B 15 -10.30 27.62 14.54
CA GLY B 15 -10.77 26.87 15.69
C GLY B 15 -11.80 27.59 16.53
N ARG B 16 -12.17 28.82 16.17
CA ARG B 16 -13.25 29.49 16.88
C ARG B 16 -14.58 28.77 16.72
N ILE B 17 -14.68 27.86 15.76
CA ILE B 17 -15.78 26.91 15.67
C ILE B 17 -15.37 25.68 16.47
N ALA B 18 -16.03 25.46 17.61
CA ALA B 18 -15.63 24.41 18.54
C ALA B 18 -15.89 23.03 17.95
N ASN B 19 -15.07 22.06 18.38
CA ASN B 19 -15.29 20.67 17.96
C ASN B 19 -16.74 20.25 18.20
N GLU B 20 -17.33 20.74 19.30
CA GLU B 20 -18.72 20.40 19.61
C GLU B 20 -19.68 20.89 18.53
N GLN B 21 -19.29 21.93 17.79
CA GLN B 21 -20.16 22.52 16.78
C GLN B 21 -20.14 21.76 15.46
N ILE B 22 -19.26 20.78 15.31
CA ILE B 22 -19.12 20.02 14.08
C ILE B 22 -19.65 18.62 14.33
N SER B 23 -20.37 18.09 13.36
CA SER B 23 -20.84 16.72 13.43
C SER B 23 -21.14 16.26 12.01
N ALA B 24 -21.59 15.02 11.88
CA ALA B 24 -21.83 14.45 10.56
C ALA B 24 -22.96 13.45 10.64
N SER B 25 -23.52 13.14 9.47
CA SER B 25 -24.47 12.04 9.36
C SER B 25 -23.86 10.72 9.82
N SER B 26 -22.54 10.57 9.70
CA SER B 26 -21.85 9.39 10.18
C SER B 26 -20.36 9.56 9.95
N THR B 27 -19.56 8.54 10.28
CA THR B 27 -18.12 8.66 10.17
C THR B 27 -17.51 7.27 10.03
N TYR B 28 -16.40 7.21 9.29
CA TYR B 28 -15.72 5.95 9.00
C TYR B 28 -15.53 5.13 10.27
N SER B 29 -15.63 3.80 10.11
CA SER B 29 -15.74 2.91 11.25
C SER B 29 -14.52 2.95 12.17
N ASP B 30 -13.33 3.19 11.64
CA ASP B 30 -12.11 3.08 12.44
C ASP B 30 -11.81 4.32 13.26
N GLY B 31 -12.65 5.35 13.19
CA GLY B 31 -12.47 6.51 14.03
C GLY B 31 -11.33 7.42 13.64
N ARG B 32 -10.83 7.32 12.42
CA ARG B 32 -9.70 8.12 11.98
C ARG B 32 -10.06 9.20 10.97
N TRP B 33 -11.34 9.34 10.64
CA TRP B 33 -11.83 10.35 9.70
C TRP B 33 -13.05 11.05 10.27
N THR B 34 -12.93 11.52 11.51
CA THR B 34 -14.08 12.07 12.21
C THR B 34 -14.38 13.47 11.71
N PRO B 35 -15.60 13.97 11.99
CA PRO B 35 -15.95 15.33 11.58
C PRO B 35 -15.01 16.40 12.13
N GLN B 36 -14.39 16.15 13.28
CA GLN B 36 -13.47 17.13 13.85
C GLN B 36 -12.18 17.26 13.05
N GLN B 37 -11.92 16.34 12.12
CA GLN B 37 -10.76 16.41 11.26
C GLN B 37 -11.04 17.16 9.95
N SER B 38 -12.21 17.79 9.84
CA SER B 38 -12.63 18.44 8.61
C SER B 38 -12.22 19.90 8.53
N ARG B 39 -11.36 20.36 9.41
CA ARG B 39 -10.94 21.76 9.36
C ARG B 39 -10.00 22.00 8.19
N LEU B 40 -10.21 23.11 7.49
CA LEU B 40 -9.38 23.45 6.35
C LEU B 40 -7.90 23.41 6.71
N HIS B 41 -7.12 22.74 5.86
CA HIS B 41 -5.67 22.61 6.02
C HIS B 41 -5.27 21.77 7.22
N GLY B 42 -6.18 20.94 7.74
CA GLY B 42 -5.80 20.02 8.79
C GLY B 42 -4.86 18.95 8.29
N ASP B 43 -3.97 18.50 9.16
CA ASP B 43 -2.93 17.54 8.77
C ASP B 43 -3.20 16.14 9.29
N ASP B 44 -4.43 15.85 9.71
CA ASP B 44 -4.79 14.53 10.22
C ASP B 44 -6.01 14.03 9.46
N ASN B 45 -5.80 13.69 8.19
CA ASN B 45 -6.87 13.14 7.38
C ASN B 45 -7.98 14.16 7.23
N GLY B 46 -9.21 13.70 7.24
CA GLY B 46 -10.36 14.55 7.06
C GLY B 46 -11.61 13.80 7.50
N TRP B 47 -12.77 14.37 7.16
CA TRP B 47 -14.01 13.70 7.51
C TRP B 47 -14.40 12.73 6.41
N THR B 48 -14.80 11.53 6.81
CA THR B 48 -15.31 10.56 5.87
C THR B 48 -16.52 9.83 6.47
N PRO B 49 -17.61 9.71 5.73
CA PRO B 49 -18.78 8.99 6.26
C PRO B 49 -18.48 7.51 6.42
N ASN B 50 -19.36 6.84 7.17
CA ASN B 50 -19.21 5.41 7.38
C ASN B 50 -19.41 4.63 6.07
N LEU B 51 -20.15 5.21 5.13
CA LEU B 51 -20.29 4.63 3.80
C LEU B 51 -20.38 5.77 2.79
N ASP B 52 -19.89 5.52 1.59
CA ASP B 52 -19.82 6.57 0.57
C ASP B 52 -21.18 6.68 -0.10
N SER B 53 -21.90 7.78 0.18
CA SER B 53 -23.26 7.96 -0.29
C SER B 53 -23.56 9.44 -0.47
N ASN B 54 -24.39 9.74 -1.47
CA ASN B 54 -24.80 11.13 -1.65
C ASN B 54 -25.88 11.59 -0.63
N LYS B 55 -26.17 10.73 0.34
CA LYS B 55 -27.00 11.10 1.47
C LYS B 55 -26.19 11.56 2.68
N GLU B 56 -24.90 11.20 2.73
CA GLU B 56 -24.06 11.58 3.86
C GLU B 56 -23.79 13.08 3.81
N TYR B 57 -23.44 13.62 4.98
CA TYR B 57 -23.23 15.06 5.07
C TYR B 57 -22.43 15.40 6.31
N LEU B 58 -21.71 16.51 6.22
CA LEU B 58 -21.00 17.11 7.33
C LEU B 58 -21.76 18.35 7.77
N GLN B 59 -21.89 18.54 9.09
CA GLN B 59 -22.72 19.61 9.62
C GLN B 59 -21.93 20.49 10.57
N VAL B 60 -22.20 21.79 10.50
CA VAL B 60 -21.59 22.77 11.40
C VAL B 60 -22.70 23.64 11.98
N ASP B 61 -22.75 23.74 13.31
CA ASP B 61 -23.66 24.63 14.01
C ASP B 61 -22.87 25.89 14.36
N LEU B 62 -23.23 27.01 13.73
CA LEU B 62 -22.55 28.27 14.01
C LEU B 62 -23.00 28.92 15.31
N ARG B 63 -23.98 28.32 16.00
CA ARG B 63 -24.41 28.75 17.32
C ARG B 63 -25.35 29.95 17.25
N PHE B 64 -25.10 30.83 16.28
CA PHE B 64 -25.87 32.06 16.15
C PHE B 64 -26.19 32.28 14.69
N LEU B 65 -27.19 33.14 14.45
CA LEU B 65 -27.47 33.58 13.09
C LEU B 65 -26.25 34.26 12.50
N THR B 66 -25.94 33.93 11.25
CA THR B 66 -24.70 34.37 10.63
C THR B 66 -24.92 34.55 9.14
N MET B 67 -24.21 35.51 8.56
CA MET B 67 -24.25 35.73 7.12
C MET B 67 -23.21 34.82 6.48
N LEU B 68 -23.68 33.86 5.68
CA LEU B 68 -22.82 32.92 4.99
C LEU B 68 -22.64 33.38 3.55
N THR B 69 -21.39 33.57 3.13
CA THR B 69 -21.10 34.11 1.82
C THR B 69 -20.35 33.16 0.90
N ALA B 70 -19.57 32.22 1.45
CA ALA B 70 -18.73 31.37 0.62
C ALA B 70 -18.34 30.13 1.42
N ILE B 71 -17.92 29.10 0.68
CA ILE B 71 -17.51 27.82 1.23
C ILE B 71 -16.25 27.36 0.51
N ALA B 72 -15.25 26.94 1.28
CA ALA B 72 -14.03 26.37 0.74
C ALA B 72 -13.92 24.91 1.15
N THR B 73 -13.50 24.05 0.21
CA THR B 73 -13.33 22.63 0.48
C THR B 73 -11.95 22.16 0.03
N GLN B 74 -11.46 21.15 0.75
CA GLN B 74 -10.36 20.30 0.34
C GLN B 74 -10.78 18.85 0.52
N GLY B 75 -10.12 17.96 -0.24
CA GLY B 75 -10.10 16.55 0.06
C GLY B 75 -9.11 16.25 1.15
N ALA B 76 -8.55 15.04 1.12
CA ALA B 76 -7.58 14.66 2.13
C ALA B 76 -6.76 13.47 1.66
N ILE B 77 -5.46 13.48 2.00
CA ILE B 77 -4.61 12.32 1.84
C ILE B 77 -4.58 11.54 3.15
N SER B 78 -4.77 10.23 3.05
CA SER B 78 -4.67 9.37 4.22
C SER B 78 -3.28 9.47 4.82
N ARG B 79 -3.22 9.85 6.09
CA ARG B 79 -1.95 9.85 6.81
C ARG B 79 -1.32 8.46 6.83
N GLU B 80 -2.15 7.41 6.79
CA GLU B 80 -1.65 6.06 6.95
C GLU B 80 -1.16 5.46 5.64
N THR B 81 -1.83 5.75 4.53
CA THR B 81 -1.54 5.12 3.25
C THR B 81 -1.04 6.08 2.18
N GLN B 82 -1.12 7.40 2.42
CA GLN B 82 -0.81 8.43 1.46
C GLN B 82 -1.73 8.45 0.25
N ASN B 83 -2.85 7.71 0.31
CA ASN B 83 -3.86 7.80 -0.74
C ASN B 83 -4.70 9.06 -0.57
N GLY B 84 -5.04 9.69 -1.68
CA GLY B 84 -5.86 10.89 -1.68
C GLY B 84 -7.33 10.59 -1.94
N TYR B 85 -8.20 11.29 -1.22
CA TYR B 85 -9.63 11.23 -1.42
C TYR B 85 -10.17 12.63 -1.47
N TYR B 86 -11.18 12.87 -2.31
CA TYR B 86 -11.75 14.20 -2.35
C TYR B 86 -13.16 14.17 -2.92
N VAL B 87 -13.90 15.22 -2.63
CA VAL B 87 -15.26 15.39 -3.12
C VAL B 87 -15.21 16.27 -4.34
N LYS B 88 -15.88 15.83 -5.41
CA LYS B 88 -15.91 16.54 -6.68
C LYS B 88 -17.13 17.47 -6.81
N SER B 89 -18.19 17.23 -6.04
CA SER B 89 -19.36 18.09 -6.10
C SER B 89 -20.23 17.86 -4.88
N TYR B 90 -20.92 18.90 -4.45
CA TYR B 90 -21.76 18.79 -3.27
C TYR B 90 -22.95 19.72 -3.40
N LYS B 91 -23.94 19.46 -2.56
CA LYS B 91 -25.08 20.35 -2.37
C LYS B 91 -24.97 20.97 -0.98
N LEU B 92 -25.68 22.10 -0.81
CA LEU B 92 -25.64 22.85 0.43
C LEU B 92 -27.03 22.86 1.05
N GLU B 93 -27.10 22.56 2.34
CA GLU B 93 -28.34 22.64 3.10
C GLU B 93 -28.15 23.58 4.27
N VAL B 94 -29.18 24.38 4.56
CA VAL B 94 -29.12 25.39 5.60
C VAL B 94 -30.37 25.32 6.46
N SER B 95 -30.27 25.90 7.65
CA SER B 95 -31.36 25.83 8.61
C SER B 95 -31.20 26.85 9.73
N THR B 96 -32.27 27.56 10.06
CA THR B 96 -32.23 28.51 11.17
C THR B 96 -32.32 27.82 12.53
N ASN B 97 -33.00 26.67 12.59
CA ASN B 97 -33.28 26.03 13.87
C ASN B 97 -32.76 24.60 13.96
N GLY B 98 -32.13 24.09 12.90
CA GLY B 98 -31.63 22.74 12.91
C GLY B 98 -32.67 21.67 12.65
N GLU B 99 -33.92 22.06 12.39
CA GLU B 99 -34.97 21.11 12.10
C GLU B 99 -35.63 21.34 10.75
N ASP B 100 -35.79 22.60 10.35
CA ASP B 100 -36.27 22.95 9.02
C ASP B 100 -35.07 23.19 8.12
N TRP B 101 -34.91 22.32 7.12
CA TRP B 101 -33.73 22.34 6.26
C TRP B 101 -34.12 22.73 4.85
N MET B 102 -33.29 23.57 4.23
CA MET B 102 -33.51 24.02 2.86
C MET B 102 -32.27 23.70 2.05
N VAL B 103 -32.45 23.00 0.93
CA VAL B 103 -31.35 22.77 0.00
C VAL B 103 -31.17 24.03 -0.84
N TYR B 104 -29.95 24.58 -0.83
CA TYR B 104 -29.67 25.80 -1.58
C TYR B 104 -30.01 25.63 -3.05
N ARG B 105 -30.76 26.59 -3.58
CA ARG B 105 -31.24 26.54 -4.95
C ARG B 105 -30.58 27.62 -5.79
N HIS B 106 -30.47 27.34 -7.08
CA HIS B 106 -29.97 28.28 -8.09
C HIS B 106 -30.98 28.23 -9.23
N GLY B 107 -31.93 29.15 -9.22
CA GLY B 107 -33.09 29.03 -10.06
C GLY B 107 -34.09 28.12 -9.39
N LYS B 108 -34.76 27.26 -10.16
CA LYS B 108 -35.73 26.36 -9.57
C LYS B 108 -35.12 25.07 -9.05
N ASN B 109 -33.86 24.80 -9.35
CA ASN B 109 -33.23 23.52 -9.02
C ASN B 109 -32.15 23.68 -7.97
N HIS B 110 -31.85 22.57 -7.31
CA HIS B 110 -30.69 22.53 -6.41
C HIS B 110 -29.44 22.96 -7.15
N LYS B 111 -28.65 23.80 -6.50
CA LYS B 111 -27.33 24.12 -7.01
C LYS B 111 -26.35 23.01 -6.61
N VAL B 112 -25.81 22.32 -7.60
CA VAL B 112 -24.67 21.44 -7.37
C VAL B 112 -23.41 22.28 -7.46
N PHE B 113 -22.66 22.33 -6.37
CA PHE B 113 -21.40 23.06 -6.36
C PHE B 113 -20.28 22.19 -6.92
N GLN B 114 -19.57 22.72 -7.91
CA GLN B 114 -18.36 22.07 -8.40
C GLN B 114 -17.26 22.26 -7.36
N ALA B 115 -16.62 21.16 -6.99
CA ALA B 115 -15.79 21.11 -5.81
C ALA B 115 -14.35 20.78 -6.22
N ASN B 116 -13.66 19.84 -5.57
CA ASN B 116 -12.22 19.68 -5.75
C ASN B 116 -11.83 18.74 -6.91
N ASN B 117 -10.62 18.95 -7.43
N ASN B 117 -10.62 18.95 -7.44
CA ASN B 117 -10.01 18.08 -8.44
CA ASN B 117 -10.05 18.02 -8.41
C ASN B 117 -8.83 17.29 -7.90
C ASN B 117 -8.70 17.46 -7.94
N ASP B 118 -8.44 17.53 -6.65
CA ASP B 118 -7.30 16.87 -6.02
C ASP B 118 -7.54 16.89 -4.52
N ALA B 119 -6.67 16.18 -3.79
CA ALA B 119 -6.84 16.02 -2.36
C ALA B 119 -6.13 17.09 -1.54
N THR B 120 -5.57 18.12 -2.18
CA THR B 120 -4.69 19.04 -1.45
C THR B 120 -5.08 20.52 -1.56
N GLU B 121 -5.69 20.93 -2.67
CA GLU B 121 -5.88 22.34 -2.92
C GLU B 121 -7.28 22.81 -2.50
N VAL B 122 -7.37 24.11 -2.20
CA VAL B 122 -8.60 24.75 -1.78
C VAL B 122 -9.41 25.17 -3.01
N VAL B 123 -10.70 24.83 -3.02
CA VAL B 123 -11.65 25.36 -3.98
C VAL B 123 -12.67 26.18 -3.23
N LEU B 124 -12.89 27.42 -3.69
CA LEU B 124 -13.74 28.38 -3.01
C LEU B 124 -14.98 28.65 -3.85
N ASN B 125 -16.15 28.37 -3.29
CA ASN B 125 -17.42 28.68 -3.93
C ASN B 125 -18.12 29.81 -3.17
N LYS B 126 -18.73 30.73 -3.91
CA LYS B 126 -19.48 31.83 -3.34
C LYS B 126 -20.96 31.63 -3.61
N LEU B 127 -21.80 31.98 -2.63
CA LEU B 127 -23.23 32.03 -2.86
C LEU B 127 -23.57 33.28 -3.66
N HIS B 128 -24.48 33.13 -4.62
CA HIS B 128 -24.85 34.27 -5.46
C HIS B 128 -25.42 35.44 -4.66
N ALA B 129 -25.77 35.23 -3.39
CA ALA B 129 -26.11 36.30 -2.46
C ALA B 129 -25.84 35.80 -1.05
N PRO B 130 -25.53 36.69 -0.11
CA PRO B 130 -25.33 36.27 1.27
C PRO B 130 -26.64 35.74 1.87
N LEU B 131 -26.51 34.74 2.73
CA LEU B 131 -27.67 34.04 3.26
C LEU B 131 -27.53 33.96 4.78
N LEU B 132 -28.63 34.28 5.48
CA LEU B 132 -28.63 34.33 6.94
C LEU B 132 -29.11 32.98 7.46
N THR B 133 -28.21 32.26 8.12
CA THR B 133 -28.51 30.91 8.59
C THR B 133 -27.72 30.64 9.86
N ARG B 134 -28.00 29.50 10.48
CA ARG B 134 -27.27 29.06 11.66
C ARG B 134 -26.59 27.72 11.49
N PHE B 135 -27.19 26.80 10.73
CA PHE B 135 -26.64 25.48 10.50
C PHE B 135 -26.23 25.33 9.04
N VAL B 136 -25.14 24.60 8.81
CA VAL B 136 -24.63 24.38 7.47
C VAL B 136 -24.38 22.89 7.30
N ARG B 137 -24.90 22.34 6.20
CA ARG B 137 -24.67 20.94 5.83
C ARG B 137 -24.04 20.88 4.45
N ILE B 138 -22.98 20.09 4.31
CA ILE B 138 -22.34 19.81 3.03
C ILE B 138 -22.63 18.37 2.65
N ARG B 139 -23.37 18.18 1.56
CA ARG B 139 -23.73 16.84 1.11
C ARG B 139 -22.97 16.52 -0.16
N PRO B 140 -21.88 15.76 -0.08
CA PRO B 140 -21.16 15.38 -1.31
C PRO B 140 -22.05 14.59 -2.24
N GLN B 141 -21.95 14.89 -3.53
CA GLN B 141 -22.68 14.20 -4.59
C GLN B 141 -21.78 13.32 -5.46
N THR B 142 -20.60 13.80 -5.83
CA THR B 142 -19.62 12.98 -6.51
C THR B 142 -18.28 13.14 -5.81
N TRP B 143 -17.47 12.09 -5.89
CA TRP B 143 -16.21 12.02 -5.16
C TRP B 143 -15.23 11.13 -5.91
N HIS B 144 -13.95 11.33 -5.65
CA HIS B 144 -12.91 10.51 -6.22
C HIS B 144 -12.50 9.45 -5.20
N SER B 145 -12.57 8.19 -5.60
CA SER B 145 -12.09 7.07 -4.79
C SER B 145 -12.83 6.95 -3.46
N GLY B 146 -13.23 8.08 -2.87
CA GLY B 146 -13.98 8.07 -1.63
C GLY B 146 -14.21 9.48 -1.14
N ILE B 147 -15.17 9.60 -0.22
CA ILE B 147 -15.47 10.90 0.37
C ILE B 147 -14.45 11.22 1.46
N ALA B 148 -13.80 12.38 1.32
CA ALA B 148 -12.99 12.98 2.37
C ALA B 148 -13.13 14.48 2.21
N LEU B 149 -13.22 15.19 3.33
CA LEU B 149 -13.66 16.58 3.31
C LEU B 149 -12.97 17.39 4.39
N ARG B 150 -12.32 18.48 4.00
CA ARG B 150 -11.92 19.55 4.90
C ARG B 150 -12.58 20.83 4.40
N LEU B 151 -12.79 21.78 5.29
CA LEU B 151 -13.75 22.83 4.95
C LEU B 151 -13.46 24.12 5.70
N GLU B 152 -13.87 25.22 5.07
CA GLU B 152 -13.96 26.52 5.73
C GLU B 152 -15.24 27.22 5.27
N LEU B 153 -15.82 28.00 6.16
CA LEU B 153 -17.00 28.80 5.85
C LEU B 153 -16.69 30.27 6.05
N PHE B 154 -17.30 31.12 5.22
CA PHE B 154 -17.00 32.55 5.20
C PHE B 154 -18.26 33.37 5.37
N GLY B 155 -18.14 34.49 6.08
CA GLY B 155 -19.24 35.40 6.28
C GLY B 155 -18.94 36.46 7.32
N CYS B 156 -19.83 36.59 8.30
CA CYS B 156 -19.64 37.58 9.35
C CYS B 156 -20.77 37.49 10.36
N ARG B 157 -20.45 37.60 11.65
CA ARG B 157 -21.44 37.41 12.71
C ARG B 157 -22.35 38.62 12.83
N VAL B 158 -23.64 38.34 13.04
CA VAL B 158 -24.67 39.36 13.16
C VAL B 158 -24.92 39.68 14.64
N HIS C 2 25.00 -4.68 -20.30
CA HIS C 2 25.51 -5.01 -21.62
C HIS C 2 25.09 -6.42 -22.04
N MET C 3 24.04 -6.94 -21.40
CA MET C 3 23.55 -8.28 -21.72
C MET C 3 22.04 -8.29 -21.73
N PHE C 4 21.49 -9.15 -22.59
CA PHE C 4 20.07 -9.14 -22.87
C PHE C 4 19.28 -9.92 -21.83
N GLN C 5 18.26 -9.29 -21.28
CA GLN C 5 17.28 -9.93 -20.42
C GLN C 5 15.97 -10.13 -21.17
N CYS C 6 15.23 -11.17 -20.82
CA CYS C 6 13.97 -11.50 -21.49
C CYS C 6 12.81 -10.86 -20.74
N ASN C 7 12.66 -9.54 -20.94
CA ASN C 7 11.69 -8.78 -20.18
C ASN C 7 11.37 -7.46 -20.86
N VAL C 8 11.48 -7.43 -22.18
CA VAL C 8 11.25 -6.22 -22.96
C VAL C 8 9.78 -6.16 -23.35
N PRO C 9 9.17 -4.97 -23.39
CA PRO C 9 7.77 -4.89 -23.82
C PRO C 9 7.61 -5.41 -25.24
N LEU C 10 6.58 -6.24 -25.44
CA LEU C 10 6.45 -6.95 -26.70
C LEU C 10 5.83 -6.12 -27.81
N GLY C 11 5.38 -4.89 -27.53
CA GLY C 11 4.94 -4.02 -28.59
C GLY C 11 3.54 -3.42 -28.48
N MET C 12 2.87 -3.61 -27.35
CA MET C 12 1.55 -3.00 -27.20
C MET C 12 1.67 -1.48 -27.18
N GLU C 13 2.48 -0.96 -26.27
CA GLU C 13 2.64 0.49 -26.19
C GLU C 13 3.42 1.03 -27.37
N SER C 14 4.39 0.27 -27.87
CA SER C 14 5.28 0.73 -28.91
C SER C 14 4.70 0.58 -30.31
N GLY C 15 3.50 0.02 -30.46
CA GLY C 15 2.91 -0.18 -31.76
C GLY C 15 3.52 -1.30 -32.58
N ARG C 16 4.61 -1.92 -32.11
CA ARG C 16 5.16 -3.07 -32.82
C ARG C 16 4.13 -4.19 -32.95
N ILE C 17 3.23 -4.32 -31.98
CA ILE C 17 2.06 -5.17 -32.15
C ILE C 17 1.00 -4.35 -32.89
N ALA C 18 0.70 -4.75 -34.12
CA ALA C 18 -0.18 -3.97 -34.97
C ALA C 18 -1.64 -4.18 -34.59
N ASN C 19 -2.49 -3.28 -35.09
CA ASN C 19 -3.90 -3.31 -34.69
C ASN C 19 -4.57 -4.62 -35.11
N GLU C 20 -4.06 -5.26 -36.17
CA GLU C 20 -4.65 -6.52 -36.61
C GLU C 20 -4.49 -7.62 -35.57
N GLN C 21 -3.34 -7.64 -34.88
CA GLN C 21 -3.04 -8.68 -33.91
C GLN C 21 -3.88 -8.58 -32.65
N ILE C 22 -4.58 -7.46 -32.43
CA ILE C 22 -5.39 -7.25 -31.24
C ILE C 22 -6.84 -7.48 -31.58
N SER C 23 -7.53 -8.26 -30.74
CA SER C 23 -8.95 -8.53 -30.93
C SER C 23 -9.53 -8.85 -29.56
N ALA C 24 -10.83 -9.16 -29.54
CA ALA C 24 -11.49 -9.49 -28.30
C ALA C 24 -12.72 -10.34 -28.60
N SER C 25 -13.35 -10.83 -27.54
CA SER C 25 -14.60 -11.55 -27.70
C SER C 25 -15.72 -10.62 -28.12
N SER C 26 -15.65 -9.35 -27.72
CA SER C 26 -16.67 -8.36 -28.05
C SER C 26 -16.16 -7.00 -27.60
N THR C 27 -16.84 -5.96 -28.07
CA THR C 27 -16.50 -4.59 -27.72
C THR C 27 -17.78 -3.78 -27.55
N TYR C 28 -17.63 -2.60 -26.94
CA TYR C 28 -18.78 -1.83 -26.50
C TYR C 28 -19.59 -1.30 -27.67
N SER C 29 -20.88 -1.07 -27.42
CA SER C 29 -21.83 -0.69 -28.46
C SER C 29 -21.31 0.43 -29.34
N ASP C 30 -21.11 1.60 -28.76
CA ASP C 30 -20.71 2.81 -29.49
C ASP C 30 -19.29 2.76 -30.05
N GLY C 31 -18.61 1.61 -30.06
CA GLY C 31 -17.31 1.54 -30.70
C GLY C 31 -16.27 2.52 -30.20
N ARG C 32 -16.43 3.03 -28.98
CA ARG C 32 -15.45 3.96 -28.39
C ARG C 32 -14.44 3.27 -27.48
N TRP C 33 -14.49 1.95 -27.33
CA TRP C 33 -13.60 1.19 -26.47
C TRP C 33 -13.07 -0.04 -27.20
N THR C 34 -12.50 0.16 -28.39
CA THR C 34 -12.11 -0.95 -29.24
C THR C 34 -10.98 -1.75 -28.60
N PRO C 35 -10.77 -2.98 -29.06
CA PRO C 35 -9.56 -3.71 -28.68
C PRO C 35 -8.29 -2.96 -29.02
N GLN C 36 -8.28 -2.13 -30.06
CA GLN C 36 -7.07 -1.44 -30.46
C GLN C 36 -6.75 -0.26 -29.55
N GLN C 37 -7.59 0.04 -28.56
CA GLN C 37 -7.31 1.09 -27.60
C GLN C 37 -6.74 0.54 -26.30
N SER C 38 -6.40 -0.74 -26.25
CA SER C 38 -5.91 -1.37 -25.03
C SER C 38 -4.40 -1.27 -24.87
N ARG C 39 -3.75 -0.39 -25.62
CA ARG C 39 -2.31 -0.23 -25.51
C ARG C 39 -1.96 0.54 -24.25
N LEU C 40 -0.95 0.06 -23.53
CA LEU C 40 -0.57 0.66 -22.26
C LEU C 40 -0.26 2.15 -22.45
N HIS C 41 -0.77 2.97 -21.53
CA HIS C 41 -0.62 4.42 -21.54
C HIS C 41 -1.33 5.08 -22.71
N GLY C 42 -2.21 4.36 -23.41
CA GLY C 42 -3.00 5.00 -24.46
C GLY C 42 -3.90 6.07 -23.87
N ASP C 43 -4.00 7.20 -24.58
CA ASP C 43 -4.66 8.38 -24.05
C ASP C 43 -6.15 8.45 -24.36
N ASP C 44 -6.72 7.42 -24.99
CA ASP C 44 -8.11 7.45 -25.45
C ASP C 44 -8.85 6.22 -24.93
N ASN C 45 -9.43 6.34 -23.75
CA ASN C 45 -10.20 5.24 -23.14
C ASN C 45 -9.33 3.98 -23.10
N GLY C 46 -9.96 2.83 -23.23
CA GLY C 46 -9.27 1.57 -23.32
C GLY C 46 -10.18 0.58 -24.00
N TRP C 47 -10.06 -0.70 -23.63
CA TRP C 47 -10.93 -1.72 -24.17
C TRP C 47 -12.02 -2.07 -23.17
N THR C 48 -13.24 -2.26 -23.68
CA THR C 48 -14.38 -2.67 -22.90
C THR C 48 -15.22 -3.62 -23.74
N PRO C 49 -15.67 -4.74 -23.17
CA PRO C 49 -16.55 -5.65 -23.92
C PRO C 49 -17.97 -5.09 -23.99
N ASN C 50 -18.81 -5.81 -24.76
CA ASN C 50 -20.21 -5.39 -24.87
C ASN C 50 -20.99 -5.71 -23.60
N LEU C 51 -20.65 -6.82 -22.95
CA LEU C 51 -21.23 -7.19 -21.67
C LEU C 51 -20.14 -7.30 -20.61
N ASP C 52 -20.44 -6.81 -19.41
CA ASP C 52 -19.53 -6.89 -18.26
C ASP C 52 -19.66 -8.29 -17.65
N SER C 53 -18.84 -9.21 -18.13
CA SER C 53 -18.90 -10.59 -17.68
C SER C 53 -17.49 -11.17 -17.61
N ASN C 54 -17.28 -12.09 -16.67
CA ASN C 54 -15.98 -12.76 -16.56
C ASN C 54 -15.80 -13.85 -17.61
N LYS C 55 -16.63 -13.85 -18.64
CA LYS C 55 -16.43 -14.70 -19.81
C LYS C 55 -15.82 -13.94 -20.99
N GLU C 56 -15.66 -12.62 -20.86
CA GLU C 56 -15.10 -11.78 -21.91
C GLU C 56 -13.58 -11.77 -21.82
N TYR C 57 -12.93 -11.48 -22.95
CA TYR C 57 -11.49 -11.55 -22.98
C TYR C 57 -10.93 -10.61 -24.03
N LEU C 58 -9.69 -10.17 -23.82
CA LEU C 58 -8.91 -9.45 -24.81
C LEU C 58 -7.84 -10.40 -25.36
N GLN C 59 -7.62 -10.37 -26.67
CA GLN C 59 -6.70 -11.31 -27.29
C GLN C 59 -5.61 -10.60 -28.07
N VAL C 60 -4.39 -11.11 -27.96
CA VAL C 60 -3.23 -10.60 -28.67
C VAL C 60 -2.57 -11.77 -29.39
N ASP C 61 -2.42 -11.64 -30.71
CA ASP C 61 -1.67 -12.62 -31.50
C ASP C 61 -0.28 -12.05 -31.72
N LEU C 62 0.69 -12.60 -30.98
CA LEU C 62 2.07 -12.18 -31.18
C LEU C 62 2.61 -12.68 -32.52
N ARG C 63 1.87 -13.58 -33.17
CA ARG C 63 2.16 -14.17 -34.53
C ARG C 63 3.44 -15.02 -34.54
N PHE C 64 4.31 -14.86 -33.55
CA PHE C 64 5.53 -15.66 -33.50
C PHE C 64 5.66 -16.27 -32.11
N LEU C 65 6.34 -17.41 -32.04
CA LEU C 65 6.63 -18.00 -30.75
C LEU C 65 7.47 -17.04 -29.92
N THR C 66 7.05 -16.82 -28.68
CA THR C 66 7.64 -15.79 -27.84
C THR C 66 7.71 -16.29 -26.41
N MET C 67 8.77 -15.91 -25.71
CA MET C 67 8.87 -16.14 -24.28
C MET C 67 8.14 -15.01 -23.57
N LEU C 68 7.06 -15.36 -22.87
CA LEU C 68 6.27 -14.37 -22.16
C LEU C 68 6.62 -14.44 -20.67
N THR C 69 7.04 -13.31 -20.11
CA THR C 69 7.48 -13.27 -18.72
C THR C 69 6.61 -12.41 -17.82
N ALA C 70 5.92 -11.40 -18.35
CA ALA C 70 5.21 -10.47 -17.48
C ALA C 70 4.04 -9.82 -18.21
N ILE C 71 3.09 -9.34 -17.41
CA ILE C 71 1.87 -8.71 -17.90
C ILE C 71 1.63 -7.45 -17.08
N ALA C 72 1.42 -6.33 -17.76
CA ALA C 72 1.12 -5.05 -17.12
C ALA C 72 -0.21 -4.52 -17.63
N THR C 73 -1.06 -4.07 -16.71
CA THR C 73 -2.40 -3.60 -17.05
C THR C 73 -2.69 -2.30 -16.34
N GLN C 74 -3.56 -1.48 -16.96
CA GLN C 74 -4.21 -0.37 -16.29
C GLN C 74 -5.72 -0.47 -16.51
N GLY C 75 -6.44 0.43 -15.85
CA GLY C 75 -7.80 0.74 -16.20
C GLY C 75 -7.87 1.85 -17.23
N ALA C 76 -9.02 2.51 -17.29
CA ALA C 76 -9.20 3.64 -18.18
C ALA C 76 -10.24 4.59 -17.60
N ILE C 77 -10.04 5.88 -17.85
CA ILE C 77 -11.03 6.90 -17.53
C ILE C 77 -11.67 7.35 -18.84
N SER C 78 -13.00 7.30 -18.88
CA SER C 78 -13.75 7.66 -20.08
C SER C 78 -13.42 9.07 -20.52
N ARG C 79 -12.94 9.21 -21.75
CA ARG C 79 -12.74 10.55 -22.30
C ARG C 79 -14.05 11.32 -22.32
N GLU C 80 -15.16 10.62 -22.58
CA GLU C 80 -16.47 11.28 -22.67
C GLU C 80 -17.03 11.62 -21.29
N THR C 81 -16.81 10.75 -20.30
CA THR C 81 -17.46 10.85 -19.00
C THR C 81 -16.52 11.19 -17.86
N GLN C 82 -15.23 10.94 -17.99
CA GLN C 82 -14.27 10.99 -16.88
C GLN C 82 -14.60 10.00 -15.78
N ASN C 83 -15.47 9.03 -16.06
CA ASN C 83 -15.68 7.90 -15.15
C ASN C 83 -14.47 6.97 -15.17
N GLY C 84 -14.22 6.33 -14.02
CA GLY C 84 -13.08 5.44 -13.86
C GLY C 84 -13.53 3.99 -13.87
N TYR C 85 -12.82 3.18 -14.66
CA TYR C 85 -13.08 1.75 -14.73
C TYR C 85 -11.75 1.00 -14.74
N TYR C 86 -11.71 -0.14 -14.04
CA TYR C 86 -10.51 -0.95 -14.06
C TYR C 86 -10.82 -2.38 -13.63
N VAL C 87 -10.02 -3.31 -14.15
CA VAL C 87 -10.07 -4.72 -13.77
C VAL C 87 -9.37 -4.91 -12.44
N LYS C 88 -9.98 -5.68 -11.55
CA LYS C 88 -9.38 -5.97 -10.25
C LYS C 88 -8.61 -7.29 -10.20
N SER C 89 -9.02 -8.27 -11.01
CA SER C 89 -8.41 -9.59 -11.03
C SER C 89 -8.70 -10.20 -12.40
N TYR C 90 -7.86 -11.14 -12.80
CA TYR C 90 -8.06 -11.74 -14.12
C TYR C 90 -7.31 -13.05 -14.23
N LYS C 91 -7.75 -13.86 -15.19
CA LYS C 91 -7.10 -15.11 -15.58
C LYS C 91 -6.48 -14.94 -16.95
N LEU C 92 -5.51 -15.80 -17.25
CA LEU C 92 -4.75 -15.75 -18.49
C LEU C 92 -4.97 -17.06 -19.24
N GLU C 93 -5.31 -16.94 -20.51
CA GLU C 93 -5.38 -18.06 -21.43
C GLU C 93 -4.28 -17.88 -22.46
N VAL C 94 -3.55 -18.95 -22.76
CA VAL C 94 -2.48 -18.93 -23.75
C VAL C 94 -2.68 -20.07 -24.74
N SER C 95 -1.99 -19.95 -25.87
CA SER C 95 -2.10 -20.94 -26.93
C SER C 95 -0.94 -20.74 -27.88
N THR C 96 -0.45 -21.83 -28.45
CA THR C 96 0.61 -21.75 -29.44
C THR C 96 0.07 -21.71 -30.86
N ASN C 97 -1.09 -22.31 -31.11
CA ASN C 97 -1.63 -22.38 -32.45
C ASN C 97 -2.94 -21.61 -32.62
N GLY C 98 -3.52 -21.08 -31.56
CA GLY C 98 -4.82 -20.43 -31.67
C GLY C 98 -6.01 -21.38 -31.67
N GLU C 99 -5.79 -22.68 -31.58
CA GLU C 99 -6.87 -23.66 -31.46
C GLU C 99 -6.88 -24.39 -30.15
N ASP C 100 -5.71 -24.78 -29.64
CA ASP C 100 -5.58 -25.37 -28.32
C ASP C 100 -5.31 -24.26 -27.31
N TRP C 101 -6.18 -24.14 -26.31
CA TRP C 101 -6.15 -23.05 -25.35
C TRP C 101 -5.98 -23.61 -23.94
N MET C 102 -5.03 -23.09 -23.21
CA MET C 102 -4.74 -23.52 -21.84
C MET C 102 -4.94 -22.32 -20.92
N VAL C 103 -5.82 -22.47 -19.93
CA VAL C 103 -5.91 -21.47 -18.87
C VAL C 103 -4.69 -21.62 -17.98
N TYR C 104 -3.94 -20.53 -17.81
CA TYR C 104 -2.72 -20.58 -17.04
C TYR C 104 -3.01 -21.02 -15.61
N ARG C 105 -2.22 -21.98 -15.12
CA ARG C 105 -2.47 -22.58 -13.83
C ARG C 105 -1.36 -22.24 -12.85
N HIS C 106 -1.74 -22.14 -11.57
CA HIS C 106 -0.81 -22.11 -10.45
C HIS C 106 -1.12 -23.35 -9.62
N GLY C 107 -0.37 -24.41 -9.86
CA GLY C 107 -0.65 -25.68 -9.19
C GLY C 107 -1.79 -26.39 -9.88
N LYS C 108 -2.76 -26.85 -9.08
CA LYS C 108 -3.89 -27.58 -9.64
C LYS C 108 -4.95 -26.65 -10.18
N ASN C 109 -5.04 -25.43 -9.66
CA ASN C 109 -6.14 -24.53 -9.95
C ASN C 109 -5.76 -23.51 -11.02
N HIS C 110 -6.73 -22.68 -11.37
CA HIS C 110 -6.49 -21.56 -12.27
C HIS C 110 -5.69 -20.49 -11.53
N LYS C 111 -4.70 -19.93 -12.22
CA LYS C 111 -3.96 -18.79 -11.69
C LYS C 111 -4.81 -17.54 -11.82
N VAL C 112 -5.02 -16.84 -10.71
CA VAL C 112 -5.80 -15.61 -10.72
C VAL C 112 -4.87 -14.46 -10.35
N PHE C 113 -4.65 -13.56 -11.30
CA PHE C 113 -3.78 -12.42 -11.10
C PHE C 113 -4.55 -11.26 -10.48
N GLN C 114 -3.95 -10.60 -9.50
CA GLN C 114 -4.49 -9.36 -8.99
C GLN C 114 -4.10 -8.23 -9.91
N ALA C 115 -5.07 -7.41 -10.28
CA ALA C 115 -4.90 -6.38 -11.31
C ALA C 115 -4.86 -5.02 -10.61
N ASN C 116 -5.68 -4.05 -10.99
CA ASN C 116 -5.47 -2.67 -10.60
C ASN C 116 -6.32 -2.29 -9.39
N ASN C 117 -5.97 -1.14 -8.81
CA ASN C 117 -6.70 -0.52 -7.72
C ASN C 117 -7.29 0.82 -8.11
N ASP C 118 -6.73 1.48 -9.11
CA ASP C 118 -7.28 2.70 -9.66
C ASP C 118 -7.41 2.46 -11.17
N ALA C 119 -7.60 3.54 -11.92
CA ALA C 119 -7.73 3.45 -13.37
C ALA C 119 -6.51 3.99 -14.11
N THR C 120 -5.50 4.51 -13.40
CA THR C 120 -4.39 5.20 -14.02
C THR C 120 -3.04 4.53 -13.83
N GLU C 121 -2.82 3.81 -12.73
CA GLU C 121 -1.50 3.29 -12.38
C GLU C 121 -1.26 1.90 -12.96
N VAL C 122 -0.04 1.66 -13.39
CA VAL C 122 0.33 0.36 -13.95
C VAL C 122 0.56 -0.64 -12.82
N VAL C 123 0.11 -1.88 -13.03
CA VAL C 123 0.38 -3.00 -12.15
C VAL C 123 1.02 -4.10 -12.98
N LEU C 124 2.14 -4.63 -12.51
CA LEU C 124 2.89 -5.65 -13.23
C LEU C 124 2.78 -6.98 -12.50
N ASN C 125 2.59 -8.05 -13.28
CA ASN C 125 2.58 -9.42 -12.79
C ASN C 125 3.62 -10.22 -13.59
N LYS C 126 4.67 -10.66 -12.90
CA LYS C 126 5.69 -11.52 -13.52
C LYS C 126 5.29 -12.97 -13.34
N LEU C 127 5.25 -13.72 -14.44
CA LEU C 127 5.02 -15.16 -14.34
C LEU C 127 6.09 -15.79 -13.47
N HIS C 128 5.77 -16.95 -12.91
CA HIS C 128 6.75 -17.66 -12.10
C HIS C 128 7.79 -18.38 -12.94
N ALA C 129 7.54 -18.54 -14.23
CA ALA C 129 8.55 -19.01 -15.18
C ALA C 129 8.13 -18.53 -16.57
N PRO C 130 9.09 -18.20 -17.44
CA PRO C 130 8.72 -17.77 -18.80
C PRO C 130 7.89 -18.85 -19.50
N LEU C 131 6.93 -18.40 -20.29
CA LEU C 131 6.02 -19.31 -20.98
C LEU C 131 6.15 -19.11 -22.48
N LEU C 132 6.41 -20.19 -23.20
CA LEU C 132 6.41 -20.17 -24.65
C LEU C 132 4.96 -20.16 -25.14
N THR C 133 4.64 -19.23 -26.02
CA THR C 133 3.25 -19.04 -26.44
C THR C 133 3.24 -18.10 -27.65
N ARG C 134 2.12 -18.06 -28.33
CA ARG C 134 1.92 -17.12 -29.43
C ARG C 134 0.67 -16.27 -29.25
N PHE C 135 -0.39 -16.83 -28.69
CA PHE C 135 -1.62 -16.11 -28.42
C PHE C 135 -1.76 -15.90 -26.92
N VAL C 136 -2.34 -14.77 -26.55
CA VAL C 136 -2.55 -14.41 -25.15
C VAL C 136 -3.96 -13.86 -25.00
N ARG C 137 -4.69 -14.34 -24.00
CA ARG C 137 -6.00 -13.81 -23.70
C ARG C 137 -6.05 -13.38 -22.24
N ILE C 138 -6.47 -12.15 -22.01
CA ILE C 138 -6.72 -11.63 -20.67
C ILE C 138 -8.21 -11.75 -20.39
N ARG C 139 -8.56 -12.56 -19.38
CA ARG C 139 -9.95 -12.78 -19.00
CA ARG C 139 -9.95 -12.79 -19.00
C ARG C 139 -10.21 -12.15 -17.64
N PRO C 140 -10.71 -10.91 -17.60
CA PRO C 140 -11.02 -10.27 -16.32
C PRO C 140 -12.04 -11.06 -15.52
N GLN C 141 -11.80 -11.16 -14.22
CA GLN C 141 -12.68 -11.91 -13.31
C GLN C 141 -13.42 -11.03 -12.32
N THR C 142 -12.78 -9.97 -11.81
CA THR C 142 -13.47 -8.95 -11.04
C THR C 142 -13.03 -7.57 -11.54
N TRP C 143 -13.93 -6.60 -11.40
CA TRP C 143 -13.68 -5.26 -11.91
C TRP C 143 -14.37 -4.25 -11.00
N HIS C 144 -14.10 -2.98 -11.27
CA HIS C 144 -14.71 -1.87 -10.55
C HIS C 144 -15.52 -1.04 -11.53
N SER C 145 -16.85 -1.12 -11.41
CA SER C 145 -17.78 -0.29 -12.18
C SER C 145 -17.84 -0.66 -13.66
N GLY C 146 -16.99 -1.57 -14.10
CA GLY C 146 -17.00 -2.00 -15.48
C GLY C 146 -15.61 -2.41 -15.93
N ILE C 147 -15.57 -3.21 -16.98
CA ILE C 147 -14.31 -3.69 -17.54
C ILE C 147 -13.72 -2.61 -18.45
N ALA C 148 -12.54 -2.11 -18.09
CA ALA C 148 -11.73 -1.26 -18.94
C ALA C 148 -10.28 -1.68 -18.82
N LEU C 149 -9.61 -1.86 -19.95
CA LEU C 149 -8.32 -2.55 -19.97
C LEU C 149 -7.33 -1.88 -20.91
N ARG C 150 -6.13 -1.61 -20.40
CA ARG C 150 -4.98 -1.25 -21.22
C ARG C 150 -3.82 -2.16 -20.84
N LEU C 151 -3.06 -2.59 -21.84
CA LEU C 151 -2.24 -3.79 -21.70
C LEU C 151 -0.84 -3.60 -22.26
N GLU C 152 0.13 -4.23 -21.58
CA GLU C 152 1.44 -4.46 -22.18
C GLU C 152 1.94 -5.85 -21.78
N LEU C 153 2.56 -6.53 -22.74
CA LEU C 153 3.13 -7.85 -22.53
C LEU C 153 4.65 -7.78 -22.56
N PHE C 154 5.30 -8.64 -21.78
CA PHE C 154 6.74 -8.61 -21.61
C PHE C 154 7.34 -9.98 -21.91
N GLY C 155 8.56 -9.96 -22.46
CA GLY C 155 9.26 -11.18 -22.75
C GLY C 155 10.37 -10.99 -23.76
N CYS C 156 10.39 -11.87 -24.76
CA CYS C 156 11.39 -11.81 -25.83
C CYS C 156 10.99 -12.82 -26.89
N ARG C 157 11.34 -12.50 -28.14
CA ARG C 157 10.96 -13.33 -29.29
C ARG C 157 12.01 -14.41 -29.51
N VAL C 158 11.55 -15.64 -29.66
CA VAL C 158 12.44 -16.79 -29.83
C VAL C 158 12.84 -16.95 -31.29
N HIS D 2 13.18 16.92 -21.11
CA HIS D 2 14.54 16.96 -20.61
C HIS D 2 14.82 18.22 -19.78
N MET D 3 13.78 18.75 -19.14
CA MET D 3 13.92 19.92 -18.30
C MET D 3 14.30 19.51 -16.88
N PHE D 4 15.02 20.40 -16.19
CA PHE D 4 15.51 20.12 -14.85
C PHE D 4 14.38 20.23 -13.83
N GLN D 5 14.20 19.16 -13.06
CA GLN D 5 13.28 19.13 -11.93
C GLN D 5 14.08 19.19 -10.63
N CYS D 6 13.53 19.88 -9.63
CA CYS D 6 14.20 20.03 -8.34
C CYS D 6 13.72 18.91 -7.41
N ASN D 7 14.30 17.73 -7.61
CA ASN D 7 13.89 16.58 -6.83
C ASN D 7 14.91 15.44 -6.88
N VAL D 8 16.18 15.79 -7.05
CA VAL D 8 17.23 14.78 -7.19
C VAL D 8 17.79 14.42 -5.82
N PRO D 9 18.21 13.17 -5.60
CA PRO D 9 18.88 12.83 -4.35
C PRO D 9 20.07 13.76 -4.12
N LEU D 10 20.32 14.07 -2.85
CA LEU D 10 21.30 15.10 -2.51
C LEU D 10 22.66 14.53 -2.10
N GLY D 11 22.75 13.25 -1.77
CA GLY D 11 24.06 12.68 -1.52
C GLY D 11 24.16 11.63 -0.44
N MET D 12 23.06 11.29 0.23
CA MET D 12 23.12 10.28 1.27
C MET D 12 23.51 8.93 0.69
N GLU D 13 22.73 8.43 -0.26
CA GLU D 13 23.03 7.13 -0.84
C GLU D 13 24.26 7.19 -1.74
N SER D 14 24.42 8.29 -2.48
CA SER D 14 25.49 8.38 -3.46
C SER D 14 26.85 8.59 -2.81
N GLY D 15 26.91 9.41 -1.76
CA GLY D 15 28.17 9.73 -1.10
C GLY D 15 28.60 11.19 -1.21
N ARG D 16 27.97 11.99 -2.09
CA ARG D 16 28.30 13.41 -2.15
C ARG D 16 28.04 14.12 -0.83
N ILE D 17 27.21 13.57 0.03
CA ILE D 17 27.13 14.02 1.42
C ILE D 17 28.20 13.26 2.19
N ALA D 18 29.24 13.96 2.62
CA ALA D 18 30.40 13.32 3.23
C ALA D 18 30.07 12.79 4.63
N ASN D 19 30.81 11.76 5.03
CA ASN D 19 30.71 11.27 6.41
C ASN D 19 30.80 12.40 7.41
N GLU D 20 31.51 13.48 7.06
CA GLU D 20 31.72 14.62 7.95
C GLU D 20 30.48 15.50 8.06
N GLN D 21 29.65 15.51 7.04
CA GLN D 21 28.45 16.35 7.05
C GLN D 21 27.29 15.72 7.82
N ILE D 22 27.46 14.51 8.34
CA ILE D 22 26.41 13.81 9.07
C ILE D 22 26.80 13.78 10.55
N SER D 23 25.85 14.07 11.41
CA SER D 23 26.08 14.07 12.85
C SER D 23 24.79 13.63 13.52
N ALA D 24 24.83 13.56 14.85
CA ALA D 24 23.66 13.18 15.62
C ALA D 24 23.84 13.65 17.05
N SER D 25 22.72 13.85 17.73
CA SER D 25 22.78 14.20 19.14
C SER D 25 23.47 13.13 19.96
N SER D 26 23.43 11.88 19.50
CA SER D 26 24.00 10.77 20.24
C SER D 26 23.95 9.52 19.37
N THR D 27 24.76 8.54 19.74
CA THR D 27 24.83 7.25 19.05
C THR D 27 24.70 6.14 20.08
N TYR D 28 24.56 4.92 19.58
CA TYR D 28 24.53 3.77 20.49
C TYR D 28 25.92 3.50 21.03
N SER D 29 25.98 3.08 22.30
CA SER D 29 27.27 2.92 22.98
C SER D 29 28.21 2.01 22.21
N ASP D 30 27.70 0.92 21.64
CA ASP D 30 28.56 -0.06 20.96
C ASP D 30 29.07 0.41 19.60
N GLY D 31 28.91 1.67 19.22
CA GLY D 31 29.47 2.20 18.00
C GLY D 31 29.10 1.47 16.73
N ARG D 32 28.05 0.65 16.77
CA ARG D 32 27.59 -0.10 15.62
C ARG D 32 26.36 0.50 14.95
N TRP D 33 25.96 1.71 15.36
CA TRP D 33 24.82 2.42 14.75
C TRP D 33 25.17 3.89 14.58
N THR D 34 26.33 4.16 13.99
CA THR D 34 26.84 5.52 13.93
C THR D 34 26.03 6.35 12.93
N PRO D 35 26.09 7.68 13.05
CA PRO D 35 25.42 8.54 12.06
C PRO D 35 25.87 8.28 10.64
N GLN D 36 27.10 7.81 10.44
CA GLN D 36 27.58 7.56 9.09
C GLN D 36 26.94 6.33 8.45
N GLN D 37 26.24 5.51 9.23
CA GLN D 37 25.48 4.39 8.71
C GLN D 37 24.01 4.74 8.45
N SER D 38 23.68 6.02 8.31
CA SER D 38 22.31 6.47 8.11
C SER D 38 21.95 6.64 6.64
N ARG D 39 22.82 6.21 5.73
CA ARG D 39 22.57 6.41 4.31
C ARG D 39 21.51 5.45 3.79
N LEU D 40 20.77 5.92 2.78
CA LEU D 40 19.65 5.15 2.24
C LEU D 40 20.15 3.88 1.56
N HIS D 41 19.60 2.74 1.99
CA HIS D 41 19.92 1.40 1.48
C HIS D 41 21.25 0.89 2.00
N GLY D 42 21.86 1.55 2.98
CA GLY D 42 23.08 1.05 3.60
C GLY D 42 22.91 -0.39 4.06
N ASP D 43 24.02 -1.11 4.17
CA ASP D 43 23.98 -2.53 4.46
C ASP D 43 24.48 -2.90 5.85
N ASP D 44 24.85 -1.91 6.66
CA ASP D 44 25.39 -2.16 8.00
C ASP D 44 24.58 -1.36 9.00
N ASN D 45 23.44 -1.92 9.39
CA ASN D 45 22.62 -1.36 10.48
C ASN D 45 22.16 0.04 10.07
N GLY D 46 22.22 1.03 10.95
CA GLY D 46 21.83 2.38 10.61
C GLY D 46 22.22 3.27 11.75
N TRP D 47 21.55 4.43 11.85
CA TRP D 47 21.76 5.29 13.00
C TRP D 47 20.82 4.89 14.12
N THR D 48 21.37 4.79 15.32
CA THR D 48 20.56 4.66 16.53
C THR D 48 21.20 5.52 17.62
N PRO D 49 20.43 6.42 18.26
CA PRO D 49 20.99 7.21 19.36
C PRO D 49 21.27 6.35 20.58
N ASN D 50 21.78 6.94 21.65
CA ASN D 50 22.05 6.13 22.84
C ASN D 50 20.82 5.89 23.70
N LEU D 51 19.79 6.71 23.56
CA LEU D 51 18.53 6.50 24.29
C LEU D 51 17.37 6.75 23.35
N ASP D 52 16.52 5.75 23.17
CA ASP D 52 15.32 5.93 22.37
C ASP D 52 14.41 6.98 23.03
N SER D 53 14.42 8.20 22.51
CA SER D 53 13.57 9.25 23.02
C SER D 53 13.28 10.24 21.89
N ASN D 54 12.12 10.91 21.99
CA ASN D 54 11.71 11.88 20.96
C ASN D 54 12.50 13.17 21.03
N LYS D 55 13.61 13.23 21.78
CA LYS D 55 14.48 14.39 21.79
C LYS D 55 15.76 14.16 20.98
N GLU D 56 16.12 12.92 20.70
CA GLU D 56 17.27 12.64 19.86
C GLU D 56 17.02 13.15 18.44
N TYR D 57 18.09 13.23 17.66
CA TYR D 57 17.92 13.65 16.27
C TYR D 57 19.14 13.25 15.45
N LEU D 58 18.91 13.06 14.15
CA LEU D 58 19.96 12.85 13.17
C LEU D 58 20.13 14.14 12.37
N GLN D 59 21.38 14.56 12.18
CA GLN D 59 21.63 15.86 11.55
C GLN D 59 22.44 15.69 10.27
N VAL D 60 22.20 16.61 9.33
CA VAL D 60 22.91 16.67 8.07
C VAL D 60 23.18 18.13 7.75
N ASP D 61 24.41 18.44 7.33
CA ASP D 61 24.79 19.77 6.89
C ASP D 61 25.08 19.71 5.39
N LEU D 62 24.29 20.41 4.59
CA LEU D 62 24.45 20.43 3.15
C LEU D 62 25.54 21.40 2.68
N ARG D 63 26.13 22.15 3.61
CA ARG D 63 27.26 23.06 3.34
C ARG D 63 26.81 24.31 2.61
N PHE D 64 25.92 24.17 1.64
CA PHE D 64 25.44 25.31 0.88
C PHE D 64 23.91 25.35 0.89
N LEU D 65 23.37 26.52 0.57
CA LEU D 65 21.93 26.67 0.48
C LEU D 65 21.36 25.73 -0.58
N THR D 66 20.33 24.98 -0.19
CA THR D 66 19.73 23.97 -1.04
C THR D 66 18.21 24.08 -0.95
N MET D 67 17.54 23.82 -2.07
CA MET D 67 16.09 23.73 -2.11
C MET D 67 15.70 22.31 -1.71
N LEU D 68 15.07 22.16 -0.54
CA LEU D 68 14.73 20.84 -0.02
C LEU D 68 13.27 20.55 -0.35
N THR D 69 13.04 19.49 -1.13
CA THR D 69 11.71 19.19 -1.64
C THR D 69 11.14 17.87 -1.13
N ALA D 70 11.95 16.96 -0.61
CA ALA D 70 11.41 15.69 -0.14
C ALA D 70 12.40 15.00 0.78
N ILE D 71 11.88 14.05 1.53
CA ILE D 71 12.61 13.29 2.54
C ILE D 71 12.16 11.84 2.43
N ALA D 72 13.12 10.92 2.34
CA ALA D 72 12.83 9.50 2.33
C ALA D 72 13.52 8.85 3.52
N THR D 73 12.87 7.87 4.12
CA THR D 73 13.39 7.24 5.32
C THR D 73 13.21 5.72 5.24
N GLN D 74 14.10 5.02 5.94
CA GLN D 74 14.01 3.58 6.16
C GLN D 74 14.30 3.29 7.62
N GLY D 75 13.91 2.10 8.06
CA GLY D 75 14.41 1.52 9.29
C GLY D 75 15.75 0.85 9.04
N ALA D 76 16.07 -0.13 9.89
CA ALA D 76 17.30 -0.90 9.69
C ALA D 76 17.16 -2.24 10.38
N ILE D 77 17.59 -3.30 9.69
CA ILE D 77 17.67 -4.63 10.28
C ILE D 77 19.07 -4.80 10.87
N SER D 78 19.13 -5.16 12.14
CA SER D 78 20.40 -5.38 12.81
C SER D 78 21.02 -6.69 12.35
N ARG D 79 22.23 -6.63 11.77
CA ARG D 79 22.90 -7.85 11.38
C ARG D 79 23.46 -8.63 12.57
N GLU D 80 23.35 -8.08 13.78
CA GLU D 80 23.82 -8.76 14.97
C GLU D 80 22.72 -9.54 15.68
N THR D 81 21.45 -9.19 15.46
CA THR D 81 20.34 -9.91 16.07
C THR D 81 19.22 -10.25 15.09
N GLN D 82 19.28 -9.76 13.85
CA GLN D 82 18.20 -9.95 12.88
C GLN D 82 16.91 -9.27 13.33
N ASN D 83 17.00 -8.33 14.25
CA ASN D 83 15.85 -7.59 14.72
C ASN D 83 15.68 -6.30 13.91
N GLY D 84 14.43 -5.91 13.72
CA GLY D 84 14.08 -4.75 12.91
C GLY D 84 13.66 -3.57 13.75
N TYR D 85 14.09 -2.39 13.36
CA TYR D 85 13.67 -1.15 14.01
C TYR D 85 13.38 -0.12 12.94
N TYR D 86 12.45 0.78 13.24
CA TYR D 86 12.13 1.85 12.30
C TYR D 86 11.38 2.95 13.03
N VAL D 87 11.56 4.17 12.52
CA VAL D 87 10.82 5.34 12.99
C VAL D 87 9.43 5.31 12.36
N LYS D 88 8.40 5.45 13.20
CA LYS D 88 7.03 5.49 12.72
C LYS D 88 6.56 6.90 12.37
N SER D 89 7.16 7.92 12.97
CA SER D 89 6.85 9.32 12.66
C SER D 89 7.98 10.18 13.18
N TYR D 90 8.16 11.34 12.56
CA TYR D 90 9.24 12.23 12.98
C TYR D 90 8.86 13.67 12.69
N LYS D 91 9.62 14.58 13.29
CA LYS D 91 9.57 16.00 12.99
C LYS D 91 10.87 16.39 12.29
N LEU D 92 10.90 17.63 11.81
CA LEU D 92 12.01 18.12 11.04
C LEU D 92 12.38 19.51 11.54
N GLU D 93 13.65 19.71 11.87
CA GLU D 93 14.19 21.02 12.18
C GLU D 93 15.18 21.43 11.09
N VAL D 94 15.11 22.71 10.69
CA VAL D 94 15.95 23.24 9.62
C VAL D 94 16.60 24.53 10.09
N SER D 95 17.72 24.87 9.44
CA SER D 95 18.48 26.06 9.77
C SER D 95 19.35 26.43 8.57
N THR D 96 19.49 27.74 8.34
CA THR D 96 20.35 28.22 7.27
C THR D 96 21.76 28.55 7.74
N ASN D 97 21.90 29.02 8.98
CA ASN D 97 23.20 29.38 9.53
C ASN D 97 23.69 28.40 10.59
N GLY D 98 22.87 27.42 10.97
CA GLY D 98 23.27 26.43 11.94
C GLY D 98 23.07 26.81 13.38
N GLU D 99 22.54 28.01 13.67
CA GLU D 99 22.26 28.43 15.04
C GLU D 99 20.80 28.70 15.31
N ASP D 100 20.09 29.34 14.40
CA ASP D 100 18.65 29.55 14.52
C ASP D 100 17.93 28.36 13.90
N TRP D 101 17.33 27.52 14.72
CA TRP D 101 16.65 26.31 14.28
C TRP D 101 15.15 26.51 14.36
N MET D 102 14.45 26.25 13.26
CA MET D 102 12.99 26.33 13.20
C MET D 102 12.42 24.95 12.92
N VAL D 103 11.55 24.49 13.83
CA VAL D 103 10.78 23.28 13.59
C VAL D 103 9.78 23.51 12.46
N TYR D 104 9.77 22.61 11.49
CA TYR D 104 8.89 22.74 10.33
C TYR D 104 7.43 22.62 10.77
N ARG D 105 6.61 23.58 10.39
CA ARG D 105 5.22 23.62 10.82
C ARG D 105 4.27 23.38 9.66
N HIS D 106 3.14 22.76 9.97
CA HIS D 106 1.99 22.66 9.06
C HIS D 106 0.92 23.58 9.64
N GLY D 107 0.95 24.83 9.19
CA GLY D 107 0.11 25.84 9.80
C GLY D 107 0.71 26.30 11.10
N LYS D 108 -0.09 26.32 12.16
CA LYS D 108 0.35 26.78 13.46
C LYS D 108 1.10 25.72 14.24
N ASN D 109 0.90 24.45 13.92
CA ASN D 109 1.44 23.36 14.70
C ASN D 109 2.69 22.77 14.04
N HIS D 110 3.36 21.90 14.79
CA HIS D 110 4.51 21.20 14.25
C HIS D 110 4.06 20.18 13.21
N LYS D 111 4.71 20.21 12.04
CA LYS D 111 4.48 19.16 11.05
C LYS D 111 4.95 17.81 11.59
N VAL D 112 4.06 16.82 11.55
CA VAL D 112 4.38 15.45 11.95
C VAL D 112 4.36 14.58 10.70
N PHE D 113 5.54 14.17 10.24
CA PHE D 113 5.65 13.28 9.10
C PHE D 113 5.41 11.84 9.54
N GLN D 114 4.52 11.14 8.84
CA GLN D 114 4.40 9.70 9.03
C GLN D 114 5.53 9.00 8.27
N ALA D 115 6.02 7.91 8.86
CA ALA D 115 7.24 7.27 8.37
C ALA D 115 7.05 5.80 8.04
N ASN D 116 7.93 4.96 8.58
CA ASN D 116 8.05 3.58 8.12
C ASN D 116 7.03 2.68 8.80
N ASN D 117 6.68 1.61 8.10
CA ASN D 117 5.91 0.51 8.66
C ASN D 117 6.74 -0.76 8.81
N ASP D 118 7.97 -0.76 8.31
CA ASP D 118 8.91 -1.85 8.49
C ASP D 118 10.32 -1.25 8.42
N ALA D 119 11.33 -2.12 8.32
CA ALA D 119 12.71 -1.70 8.37
C ALA D 119 13.38 -1.65 7.01
N THR D 120 12.69 -2.05 5.94
CA THR D 120 13.30 -2.17 4.63
C THR D 120 12.66 -1.29 3.58
N GLU D 121 11.34 -1.13 3.59
CA GLU D 121 10.67 -0.37 2.56
C GLU D 121 10.85 1.12 2.80
N VAL D 122 11.16 1.85 1.72
CA VAL D 122 11.34 3.29 1.78
C VAL D 122 9.97 3.97 1.79
N VAL D 123 9.91 5.13 2.43
CA VAL D 123 8.71 5.96 2.50
C VAL D 123 9.16 7.38 2.17
N LEU D 124 8.72 7.90 1.03
CA LEU D 124 9.04 9.26 0.64
C LEU D 124 8.02 10.23 1.22
N ASN D 125 8.46 11.45 1.46
CA ASN D 125 7.59 12.50 1.96
C ASN D 125 7.98 13.81 1.28
N LYS D 126 7.10 14.32 0.41
CA LYS D 126 7.31 15.61 -0.21
C LYS D 126 6.80 16.72 0.71
N LEU D 127 7.54 17.81 0.77
CA LEU D 127 7.07 18.99 1.49
C LEU D 127 5.99 19.70 0.69
N HIS D 128 5.18 20.50 1.39
CA HIS D 128 4.11 21.24 0.72
C HIS D 128 4.62 22.45 -0.05
N ALA D 129 5.93 22.69 -0.02
CA ALA D 129 6.55 23.71 -0.84
C ALA D 129 8.06 23.58 -0.65
N PRO D 130 8.86 23.79 -1.70
CA PRO D 130 10.31 23.65 -1.53
C PRO D 130 10.80 24.58 -0.43
N LEU D 131 11.68 24.04 0.42
CA LEU D 131 12.24 24.77 1.53
C LEU D 131 13.69 25.10 1.23
N LEU D 132 14.09 26.33 1.55
CA LEU D 132 15.47 26.77 1.41
C LEU D 132 16.17 26.62 2.75
N THR D 133 17.22 25.80 2.79
CA THR D 133 17.88 25.48 4.05
C THR D 133 19.31 25.03 3.77
N ARG D 134 20.08 24.91 4.84
CA ARG D 134 21.39 24.30 4.77
C ARG D 134 21.53 23.13 5.74
N PHE D 135 20.94 23.24 6.91
CA PHE D 135 20.98 22.17 7.90
C PHE D 135 19.60 21.53 8.02
N VAL D 136 19.59 20.21 8.12
CA VAL D 136 18.36 19.44 8.27
C VAL D 136 18.52 18.58 9.52
N ARG D 137 17.46 18.46 10.32
CA ARG D 137 17.47 17.54 11.44
C ARG D 137 16.20 16.69 11.39
N ILE D 138 16.36 15.40 11.65
CA ILE D 138 15.26 14.45 11.71
C ILE D 138 15.10 14.06 13.17
N ARG D 139 13.96 14.41 13.75
CA ARG D 139 13.71 14.19 15.17
C ARG D 139 12.61 13.15 15.30
N PRO D 140 12.95 11.87 15.41
CA PRO D 140 11.93 10.84 15.56
C PRO D 140 10.98 11.16 16.71
N GLN D 141 9.70 10.86 16.51
CA GLN D 141 8.67 11.02 17.52
C GLN D 141 8.08 9.69 17.96
N THR D 142 8.07 8.70 17.09
CA THR D 142 7.53 7.39 17.38
C THR D 142 8.28 6.35 16.55
N TRP D 143 8.44 5.17 17.12
CA TRP D 143 9.22 4.12 16.48
C TRP D 143 8.64 2.78 16.88
N HIS D 144 9.08 1.74 16.20
CA HIS D 144 8.74 0.36 16.55
C HIS D 144 9.97 -0.32 17.11
N SER D 145 9.85 -0.87 18.33
CA SER D 145 10.92 -1.62 18.97
C SER D 145 12.09 -0.72 19.36
N GLY D 146 12.57 0.09 18.41
CA GLY D 146 13.63 1.04 18.70
C GLY D 146 13.75 2.05 17.59
N ILE D 147 14.50 3.11 17.87
CA ILE D 147 14.85 4.11 16.86
C ILE D 147 15.93 3.52 15.95
N ALA D 148 15.66 3.50 14.65
CA ALA D 148 16.66 3.17 13.65
C ALA D 148 16.30 3.92 12.39
N LEU D 149 17.28 4.60 11.79
CA LEU D 149 16.99 5.53 10.71
C LEU D 149 18.02 5.44 9.59
N ARG D 150 17.53 5.25 8.37
CA ARG D 150 18.30 5.42 7.15
C ARG D 150 17.61 6.46 6.28
N LEU D 151 18.39 7.31 5.63
CA LEU D 151 17.88 8.61 5.21
C LEU D 151 18.39 8.99 3.82
N GLU D 152 17.54 9.69 3.08
CA GLU D 152 17.94 10.39 1.86
C GLU D 152 17.13 11.68 1.75
N LEU D 153 17.77 12.72 1.23
CA LEU D 153 17.16 14.03 1.03
C LEU D 153 17.14 14.37 -0.46
N PHE D 154 16.19 15.20 -0.86
CA PHE D 154 15.96 15.53 -2.25
C PHE D 154 15.76 17.04 -2.43
N GLY D 155 16.12 17.52 -3.62
CA GLY D 155 16.03 18.94 -3.90
C GLY D 155 16.97 19.40 -4.99
N CYS D 156 17.57 20.58 -4.80
CA CYS D 156 18.48 21.13 -5.80
C CYS D 156 19.26 22.28 -5.17
N ARG D 157 20.53 22.39 -5.54
CA ARG D 157 21.40 23.42 -5.01
C ARG D 157 21.18 24.73 -5.76
N VAL D 158 20.92 25.80 -5.02
CA VAL D 158 20.79 27.12 -5.62
C VAL D 158 22.13 27.54 -6.20
N THR D 159 22.11 28.02 -7.44
CA THR D 159 23.36 28.29 -8.18
C THR D 159 23.33 29.66 -8.85
N SER D 160 24.09 29.81 -9.93
CA SER D 160 24.13 31.06 -10.67
C SER D 160 22.76 31.39 -11.27
N ARG E 1 -7.14 4.55 5.01
CA ARG E 1 -8.07 3.47 4.68
C ARG E 1 -7.42 2.09 4.90
N LYS E 2 -6.93 1.87 6.11
CA LYS E 2 -6.37 0.59 6.54
C LYS E 2 -5.22 0.14 5.65
N LEU E 3 -3.98 0.43 6.06
CA LEU E 3 -2.83 -0.08 5.33
C LEU E 3 -2.87 -1.61 5.32
N ARG E 4 -2.94 -2.18 4.11
CA ARG E 4 -3.12 -3.62 3.96
C ARG E 4 -1.80 -4.35 4.18
N ARG E 5 -1.90 -5.54 4.74
CA ARG E 5 -0.74 -6.40 4.94
C ARG E 5 -0.28 -6.96 3.59
N ARG F 4 -23.10 7.55 -17.85
CA ARG F 4 -23.39 6.81 -19.08
C ARG F 4 -22.36 5.70 -19.30
N ARG F 5 -21.09 6.07 -19.30
CA ARG F 5 -20.00 5.11 -19.45
C ARG F 5 -18.67 5.84 -19.40
N LEU G 3 23.06 -4.67 25.80
CA LEU G 3 23.84 -4.27 24.64
C LEU G 3 23.38 -5.04 23.40
N ARG G 4 24.03 -4.75 22.26
CA ARG G 4 23.76 -5.45 21.01
C ARG G 4 22.30 -5.30 20.57
N ARG G 5 22.06 -4.39 19.63
CA ARG G 5 20.68 -4.17 19.12
C ARG G 5 20.34 -5.30 18.17
#